data_6YNJ
#
_entry.id   6YNJ
#
_cell.length_a   39.830
_cell.length_b   103.990
_cell.length_c   42.360
_cell.angle_alpha   90.000
_cell.angle_beta   105.534
_cell.angle_gamma   90.000
#
_symmetry.space_group_name_H-M   'P 1 21 1'
#
loop_
_entity.id
_entity.type
_entity.pdbx_description
1 polymer YTHDC1
2 non-polymer (2~{R})-2-(2-chlorophenyl)-5,5-dimethyl-morpholine
3 non-polymer 'SULFATE ION'
4 water water
#
_entity_poly.entity_id   1
_entity_poly.type   'polypeptide(L)'
_entity_poly.pdbx_seq_one_letter_code
;MHHHHHHSSGRENLYFQGTSKLKYVLQDARFFLIKSNNHENVSLAKAKGVWSTLPVNEKKLNLAFRSARSVILIFSVRES
GKFQGFARLSSESHHGGSPIHWVLPAGMSAKMLGGVFKIDWICRRELPFTKSAHLTNPWNEHKPVKIGRDGQEIELECGT
QLCLLFPPDESIDLYQVIHKMRH
;
_entity_poly.pdbx_strand_id   A,B
#
loop_
_chem_comp.id
_chem_comp.type
_chem_comp.name
_chem_comp.formula
P0N non-polymer (2~{R})-2-(2-chlorophenyl)-5,5-dimethyl-morpholine 'C12 H16 Cl N O'
SO4 non-polymer 'SULFATE ION' 'O4 S -2'
#
# COMPACT_ATOMS: atom_id res chain seq x y z
CA GLY A 18 -3.22 -21.72 14.34
C GLY A 18 -2.65 -20.33 14.40
N THR A 19 -3.50 -19.34 14.14
CA THR A 19 -3.13 -17.93 14.17
C THR A 19 -3.82 -17.18 15.29
N SER A 20 -4.52 -17.87 16.19
CA SER A 20 -5.36 -17.20 17.15
C SER A 20 -4.53 -16.45 18.20
N LYS A 21 -3.50 -17.10 18.76
CA LYS A 21 -2.70 -16.40 19.75
C LYS A 21 -1.96 -15.23 19.12
N LEU A 22 -1.53 -15.38 17.86
CA LEU A 22 -0.89 -14.28 17.15
C LEU A 22 -1.84 -13.10 17.03
N LYS A 23 -3.09 -13.36 16.59
CA LYS A 23 -4.06 -12.27 16.50
C LYS A 23 -4.29 -11.61 17.85
N TYR A 24 -4.29 -12.39 18.94
CA TYR A 24 -4.46 -11.82 20.27
C TYR A 24 -3.31 -10.89 20.63
N VAL A 25 -2.08 -11.29 20.33
CA VAL A 25 -0.93 -10.45 20.65
C VAL A 25 -0.98 -9.15 19.85
N LEU A 26 -1.49 -9.19 18.62
CA LEU A 26 -1.52 -8.04 17.74
C LEU A 26 -2.68 -7.11 18.00
N GLN A 27 -3.64 -7.50 18.83
CA GLN A 27 -4.83 -6.69 19.04
C GLN A 27 -4.44 -5.37 19.68
N ASP A 28 -4.92 -4.27 19.08
CA ASP A 28 -4.65 -2.92 19.59
C ASP A 28 -3.16 -2.63 19.75
N ALA A 29 -2.32 -3.32 18.96
CA ALA A 29 -0.89 -3.08 18.98
C ALA A 29 -0.56 -1.85 18.17
N ARG A 30 0.62 -1.32 18.42
CA ARG A 30 1.25 -0.35 17.54
C ARG A 30 2.42 -1.02 16.81
N PHE A 31 2.69 -0.55 15.58
CA PHE A 31 3.64 -1.19 14.67
C PHE A 31 4.63 -0.17 14.15
N PHE A 32 5.91 -0.53 14.12
CA PHE A 32 6.95 0.34 13.58
C PHE A 32 7.85 -0.42 12.63
N LEU A 33 8.16 0.21 11.50
CA LEU A 33 9.09 -0.31 10.52
C LEU A 33 10.51 -0.04 11.01
N ILE A 34 11.32 -1.08 11.07
CA ILE A 34 12.72 -0.99 11.47
C ILE A 34 13.58 -1.36 10.26
N LYS A 35 14.47 -0.46 9.87
CA LYS A 35 15.33 -0.65 8.70
C LYS A 35 16.76 -0.82 9.19
N SER A 36 17.37 -1.97 8.89
CA SER A 36 18.74 -2.27 9.25
C SER A 36 19.61 -2.18 8.00
N ASN A 37 20.83 -1.69 8.15
CA ASN A 37 21.73 -1.63 7.00
C ASN A 37 22.40 -2.97 6.72
N ASN A 38 22.30 -3.95 7.61
CA ASN A 38 23.00 -5.20 7.35
C ASN A 38 22.33 -6.35 8.08
N HIS A 39 22.48 -7.53 7.49
CA HIS A 39 21.91 -8.75 8.06
C HIS A 39 22.54 -9.09 9.39
N GLU A 40 23.81 -8.72 9.59
CA GLU A 40 24.49 -9.10 10.84
C GLU A 40 23.79 -8.55 12.07
N ASN A 41 23.26 -7.32 11.97
CA ASN A 41 22.61 -6.73 13.14
C ASN A 41 21.25 -7.38 13.41
N VAL A 42 20.54 -7.75 12.35
CA VAL A 42 19.29 -8.49 12.55
C VAL A 42 19.56 -9.86 13.15
N SER A 43 20.63 -10.53 12.70
CA SER A 43 20.97 -11.82 13.29
CA SER A 43 20.98 -11.82 13.29
C SER A 43 21.31 -11.69 14.77
N LEU A 44 22.06 -10.66 15.14
CA LEU A 44 22.37 -10.42 16.54
C LEU A 44 21.09 -10.18 17.34
N ALA A 45 20.16 -9.40 16.77
CA ALA A 45 18.90 -9.12 17.44
C ALA A 45 18.08 -10.40 17.63
N LYS A 46 18.09 -11.28 16.62
CA LYS A 46 17.38 -12.56 16.71
C LYS A 46 18.00 -13.48 17.74
N ALA A 47 19.33 -13.45 17.88
CA ALA A 47 20.01 -14.33 18.81
C ALA A 47 19.90 -13.84 20.25
N LYS A 48 19.99 -12.53 20.46
CA LYS A 48 20.09 -11.97 21.80
C LYS A 48 18.81 -11.34 22.29
N GLY A 49 17.80 -11.18 21.43
CA GLY A 49 16.55 -10.57 21.89
C GLY A 49 16.67 -9.10 22.25
N VAL A 50 17.40 -8.31 21.46
CA VAL A 50 17.68 -6.93 21.78
C VAL A 50 17.62 -6.09 20.51
N TRP A 51 17.34 -4.81 20.67
CA TRP A 51 17.48 -3.86 19.57
C TRP A 51 17.90 -2.51 20.14
N SER A 52 18.62 -1.75 19.32
CA SER A 52 19.00 -0.38 19.67
CA SER A 52 19.00 -0.38 19.66
C SER A 52 18.81 0.49 18.44
N THR A 53 18.43 1.75 18.67
CA THR A 53 18.15 2.67 17.58
C THR A 53 18.69 4.05 17.95
N LEU A 54 18.63 4.97 16.97
CA LEU A 54 19.08 6.32 17.20
C LEU A 54 18.10 7.06 18.11
N PRO A 55 18.55 8.14 18.78
CA PRO A 55 17.74 8.73 19.85
C PRO A 55 16.37 9.22 19.43
N VAL A 56 16.20 9.73 18.20
CA VAL A 56 14.88 10.18 17.77
C VAL A 56 13.89 9.02 17.77
N ASN A 57 14.32 7.85 17.30
CA ASN A 57 13.44 6.69 17.30
C ASN A 57 13.32 6.07 18.68
N GLU A 58 14.38 6.14 19.49
CA GLU A 58 14.30 5.60 20.84
C GLU A 58 13.22 6.31 21.65
N LYS A 59 13.15 7.64 21.54
CA LYS A 59 12.11 8.39 22.24
C LYS A 59 10.72 7.98 21.77
N LYS A 60 10.54 7.82 20.45
CA LYS A 60 9.22 7.42 19.95
C LYS A 60 8.83 6.05 20.48
N LEU A 61 9.77 5.11 20.49
CA LEU A 61 9.45 3.75 20.91
C LEU A 61 9.19 3.67 22.40
N ASN A 62 9.91 4.46 23.20
CA ASN A 62 9.62 4.49 24.64
C ASN A 62 8.23 5.05 24.92
N LEU A 63 7.84 6.12 24.21
CA LEU A 63 6.48 6.63 24.35
C LEU A 63 5.46 5.58 23.95
N ALA A 64 5.69 4.89 22.83
CA ALA A 64 4.76 3.88 22.36
C ALA A 64 4.65 2.73 23.37
N PHE A 65 5.77 2.31 23.95
CA PHE A 65 5.75 1.18 24.88
C PHE A 65 4.85 1.45 26.08
N ARG A 66 4.84 2.68 26.57
CA ARG A 66 3.94 3.02 27.67
C ARG A 66 2.50 3.20 27.22
N SER A 67 2.26 3.36 25.91
CA SER A 67 0.97 3.77 25.39
C SER A 67 0.08 2.61 24.92
N ALA A 68 0.64 1.43 24.71
CA ALA A 68 -0.11 0.38 24.03
C ALA A 68 0.22 -0.96 24.63
N ARG A 69 -0.71 -1.91 24.49
CA ARG A 69 -0.54 -3.22 25.09
C ARG A 69 0.58 -4.01 24.43
N SER A 70 0.86 -3.73 23.15
CA SER A 70 1.97 -4.35 22.43
C SER A 70 2.54 -3.35 21.45
N VAL A 71 3.87 -3.30 21.37
CA VAL A 71 4.57 -2.54 20.35
C VAL A 71 5.36 -3.53 19.51
N ILE A 72 5.09 -3.54 18.21
CA ILE A 72 5.65 -4.52 17.29
C ILE A 72 6.65 -3.83 16.37
N LEU A 73 7.87 -4.37 16.30
CA LEU A 73 8.89 -3.93 15.36
C LEU A 73 8.93 -4.91 14.21
N ILE A 74 8.78 -4.41 12.98
CA ILE A 74 8.85 -5.22 11.77
C ILE A 74 10.14 -4.87 11.03
N PHE A 75 11.03 -5.85 10.87
CA PHE A 75 12.41 -5.61 10.46
C PHE A 75 12.61 -5.80 8.95
N SER A 76 13.40 -4.92 8.34
CA SER A 76 13.79 -5.14 6.95
C SER A 76 15.23 -4.68 6.77
N VAL A 77 16.06 -5.55 6.20
CA VAL A 77 17.44 -5.20 5.86
C VAL A 77 17.43 -4.44 4.54
N ARG A 78 18.04 -3.25 4.54
CA ARG A 78 18.04 -2.43 3.34
C ARG A 78 18.66 -3.20 2.18
N GLU A 79 18.07 -3.04 0.99
CA GLU A 79 18.46 -3.67 -0.26
C GLU A 79 18.15 -5.15 -0.32
N SER A 80 17.53 -5.74 0.71
CA SER A 80 17.26 -7.17 0.67
C SER A 80 15.98 -7.52 -0.07
N GLY A 81 15.07 -6.55 -0.25
CA GLY A 81 13.79 -6.82 -0.86
C GLY A 81 12.83 -7.65 -0.02
N LYS A 82 13.09 -7.76 1.29
CA LYS A 82 12.30 -8.59 2.16
C LYS A 82 12.23 -7.97 3.56
N PHE A 83 11.23 -8.42 4.32
CA PHE A 83 11.23 -8.30 5.77
C PHE A 83 11.83 -9.56 6.35
N GLN A 84 12.54 -9.43 7.47
CA GLN A 84 13.19 -10.58 8.09
C GLN A 84 12.47 -11.10 9.33
N GLY A 85 11.35 -10.52 9.70
CA GLY A 85 10.58 -11.02 10.83
C GLY A 85 10.04 -9.85 11.63
N PHE A 86 9.43 -10.19 12.77
CA PHE A 86 8.89 -9.16 13.65
C PHE A 86 8.91 -9.62 15.11
N ALA A 87 8.94 -8.63 16.00
CA ALA A 87 9.17 -8.86 17.43
C ALA A 87 8.39 -7.84 18.24
N ARG A 88 8.16 -8.16 19.51
CA ARG A 88 7.42 -7.30 20.42
C ARG A 88 8.37 -6.72 21.47
N LEU A 89 8.29 -5.41 21.69
CA LEU A 89 9.05 -4.82 22.79
C LEU A 89 8.63 -5.43 24.12
N SER A 90 9.62 -5.87 24.91
CA SER A 90 9.32 -6.31 26.27
C SER A 90 9.79 -5.32 27.33
N SER A 91 10.50 -4.26 26.94
CA SER A 91 10.95 -3.24 27.87
C SER A 91 11.10 -1.92 27.13
N GLU A 92 11.19 -0.84 27.90
CA GLU A 92 11.73 0.42 27.39
C GLU A 92 13.25 0.29 27.26
N SER A 93 13.86 1.30 26.65
CA SER A 93 15.31 1.25 26.48
C SER A 93 16.02 1.43 27.82
N HIS A 94 17.16 0.76 27.96
CA HIS A 94 17.98 0.87 29.16
C HIS A 94 19.46 0.80 28.79
N HIS A 95 20.27 1.52 29.56
CA HIS A 95 21.72 1.56 29.40
C HIS A 95 22.41 0.69 30.43
N GLY A 96 23.68 0.39 30.18
CA GLY A 96 24.55 -0.25 31.15
C GLY A 96 24.50 -1.77 31.19
N GLY A 97 23.80 -2.41 30.27
CA GLY A 97 23.72 -3.86 30.25
C GLY A 97 24.91 -4.48 29.55
N SER A 98 24.77 -5.75 29.20
CA SER A 98 25.79 -6.43 28.42
C SER A 98 25.93 -5.71 27.08
N PRO A 99 27.12 -5.27 26.70
CA PRO A 99 27.26 -4.54 25.43
C PRO A 99 27.00 -5.46 24.24
N ILE A 100 26.49 -4.85 23.17
CA ILE A 100 26.13 -5.57 21.96
C ILE A 100 27.11 -5.17 20.86
N HIS A 101 27.73 -6.17 20.24
CA HIS A 101 28.74 -5.94 19.21
C HIS A 101 28.08 -5.71 17.84
N TRP A 102 27.28 -4.64 17.76
CA TRP A 102 26.66 -4.25 16.50
C TRP A 102 27.73 -3.93 15.47
N VAL A 103 27.35 -4.04 14.20
CA VAL A 103 28.13 -3.50 13.09
C VAL A 103 27.73 -2.04 12.96
N LEU A 104 28.59 -1.15 13.44
CA LEU A 104 28.31 0.27 13.33
C LEU A 104 28.76 0.76 11.96
N PRO A 105 28.09 1.79 11.43
CA PRO A 105 28.57 2.39 10.17
C PRO A 105 29.91 3.05 10.40
N ALA A 106 30.68 3.16 9.31
CA ALA A 106 31.99 3.80 9.40
C ALA A 106 31.86 5.18 10.03
N GLY A 107 32.82 5.51 10.90
CA GLY A 107 32.87 6.80 11.55
C GLY A 107 31.91 6.99 12.72
N MET A 108 30.93 6.11 12.90
CA MET A 108 29.95 6.25 13.96
C MET A 108 30.34 5.39 15.16
N SER A 109 29.95 5.86 16.35
CA SER A 109 30.33 5.23 17.60
C SER A 109 29.10 4.71 18.33
N ALA A 110 29.33 3.75 19.23
CA ALA A 110 28.26 3.20 20.04
C ALA A 110 27.70 4.20 21.03
N LYS A 111 28.46 5.26 21.34
CA LYS A 111 27.97 6.31 22.23
C LYS A 111 26.94 7.19 21.55
N MET A 112 26.84 7.14 20.21
CA MET A 112 25.77 7.85 19.51
C MET A 112 24.43 7.14 19.68
N LEU A 113 24.43 5.88 20.09
CA LEU A 113 23.20 5.15 20.27
C LEU A 113 22.59 5.45 21.64
N GLY A 114 21.31 5.16 21.76
CA GLY A 114 20.62 5.19 23.02
C GLY A 114 20.70 3.85 23.72
N GLY A 115 19.68 3.57 24.51
CA GLY A 115 19.65 2.36 25.29
C GLY A 115 19.35 1.14 24.45
N VAL A 116 19.20 0.02 25.15
CA VAL A 116 18.88 -1.26 24.55
C VAL A 116 17.45 -1.60 24.93
N PHE A 117 16.65 -1.97 23.93
CA PHE A 117 15.32 -2.50 24.16
C PHE A 117 15.39 -4.03 24.17
N LYS A 118 14.76 -4.65 25.14
CA LYS A 118 14.56 -6.08 25.09
CA LYS A 118 14.55 -6.09 25.10
C LYS A 118 13.35 -6.38 24.21
N ILE A 119 13.46 -7.43 23.39
CA ILE A 119 12.39 -7.80 22.47
C ILE A 119 12.18 -9.32 22.51
N ASP A 120 10.93 -9.73 22.29
CA ASP A 120 10.58 -11.13 22.12
C ASP A 120 10.16 -11.34 20.67
N TRP A 121 10.84 -12.26 19.99
CA TRP A 121 10.52 -12.51 18.60
C TRP A 121 9.18 -13.22 18.49
N ILE A 122 8.38 -12.75 17.54
CA ILE A 122 7.12 -13.40 17.22
CA ILE A 122 7.12 -13.40 17.22
C ILE A 122 7.23 -14.25 15.96
N CYS A 123 8.05 -13.79 15.01
CA CYS A 123 8.29 -14.52 13.77
C CYS A 123 9.71 -14.21 13.32
N ARG A 124 10.53 -15.25 13.12
CA ARG A 124 11.87 -15.07 12.59
CA ARG A 124 11.87 -15.06 12.59
C ARG A 124 11.97 -15.43 11.11
N ARG A 125 10.83 -15.65 10.45
CA ARG A 125 10.80 -16.00 9.03
C ARG A 125 10.74 -14.75 8.16
N GLU A 126 11.17 -14.91 6.91
CA GLU A 126 11.21 -13.83 5.93
C GLU A 126 9.87 -13.66 5.23
N LEU A 127 9.64 -12.45 4.72
CA LEU A 127 8.53 -12.17 3.83
C LEU A 127 9.00 -11.26 2.71
N PRO A 128 8.92 -11.69 1.45
CA PRO A 128 9.33 -10.81 0.35
C PRO A 128 8.35 -9.66 0.15
N PHE A 129 8.90 -8.52 -0.26
CA PHE A 129 8.08 -7.33 -0.53
C PHE A 129 7.02 -7.60 -1.59
N THR A 130 7.28 -8.53 -2.51
CA THR A 130 6.28 -8.83 -3.53
C THR A 130 4.98 -9.34 -2.92
N LYS A 131 5.00 -9.92 -1.72
CA LYS A 131 3.80 -10.43 -1.07
C LYS A 131 3.02 -9.35 -0.32
N SER A 132 3.60 -8.17 -0.12
CA SER A 132 2.93 -7.08 0.61
C SER A 132 2.54 -5.91 -0.28
N ALA A 133 2.59 -6.09 -1.61
CA ALA A 133 2.34 -4.99 -2.53
C ALA A 133 0.91 -4.48 -2.47
N HIS A 134 -0.01 -5.25 -1.93
CA HIS A 134 -1.39 -4.81 -1.79
C HIS A 134 -1.64 -4.00 -0.52
N LEU A 135 -0.63 -3.79 0.32
CA LEU A 135 -0.80 -3.10 1.60
C LEU A 135 -0.12 -1.74 1.54
N THR A 136 -0.89 -0.68 1.78
CA THR A 136 -0.37 0.67 1.85
C THR A 136 -0.51 1.21 3.28
N ASN A 137 0.37 2.13 3.65
CA ASN A 137 0.42 2.67 5.00
C ASN A 137 -0.15 4.09 5.03
N PRO A 138 -1.32 4.30 5.62
CA PRO A 138 -1.89 5.66 5.67
C PRO A 138 -0.99 6.68 6.35
N TRP A 139 -0.13 6.26 7.27
CA TRP A 139 0.78 7.19 7.96
C TRP A 139 2.00 7.55 7.15
N ASN A 140 2.21 6.91 6.00
CA ASN A 140 3.27 7.30 5.07
C ASN A 140 2.70 7.55 3.68
N GLU A 141 1.68 8.41 3.61
CA GLU A 141 1.15 8.90 2.33
C GLU A 141 0.56 7.78 1.47
N HIS A 142 0.11 6.71 2.11
CA HIS A 142 -0.47 5.55 1.42
C HIS A 142 0.52 4.89 0.48
N LYS A 143 1.81 5.06 0.73
CA LYS A 143 2.81 4.33 -0.01
C LYS A 143 2.80 2.86 0.42
N PRO A 144 3.26 1.96 -0.44
CA PRO A 144 3.40 0.55 -0.05
C PRO A 144 4.17 0.44 1.25
N VAL A 145 3.71 -0.49 2.10
CA VAL A 145 4.19 -0.55 3.48
C VAL A 145 5.69 -0.83 3.54
N LYS A 146 6.24 -1.49 2.52
CA LYS A 146 7.69 -1.69 2.42
C LYS A 146 8.45 -0.36 2.41
N ILE A 147 7.83 0.73 1.98
CA ILE A 147 8.50 2.03 1.87
C ILE A 147 8.37 2.77 3.19
N GLY A 148 9.48 3.27 3.69
CA GLY A 148 9.44 4.07 4.90
C GLY A 148 10.81 4.20 5.53
N ARG A 149 11.02 5.30 6.24
CA ARG A 149 12.25 5.47 6.98
C ARG A 149 12.25 4.56 8.19
N ASP A 150 13.45 4.28 8.69
CA ASP A 150 13.61 3.59 9.97
C ASP A 150 12.80 4.32 11.04
N GLY A 151 11.91 3.59 11.71
CA GLY A 151 11.08 4.16 12.74
C GLY A 151 9.68 4.56 12.30
N GLN A 152 9.37 4.47 11.01
CA GLN A 152 8.05 4.87 10.53
C GLN A 152 6.95 4.04 11.18
N GLU A 153 5.97 4.71 11.80
CA GLU A 153 4.82 3.98 12.32
C GLU A 153 3.92 3.47 11.20
N ILE A 154 3.40 2.26 11.39
CA ILE A 154 2.48 1.62 10.47
C ILE A 154 1.11 1.56 11.12
N GLU A 155 0.09 2.08 10.44
CA GLU A 155 -1.27 2.11 10.98
C GLU A 155 -1.75 0.69 11.32
N LEU A 156 -2.65 0.61 12.31
CA LEU A 156 -3.03 -0.67 12.91
C LEU A 156 -3.46 -1.72 11.89
N GLU A 157 -4.38 -1.38 10.98
CA GLU A 157 -4.91 -2.41 10.08
C GLU A 157 -3.85 -2.87 9.10
N CYS A 158 -3.07 -1.95 8.54
CA CYS A 158 -1.99 -2.32 7.63
C CYS A 158 -0.95 -3.18 8.34
N GLY A 159 -0.59 -2.80 9.57
CA GLY A 159 0.42 -3.57 10.30
C GLY A 159 -0.06 -4.95 10.70
N THR A 160 -1.32 -5.06 11.11
CA THR A 160 -1.88 -6.36 11.42
C THR A 160 -1.88 -7.26 10.20
N GLN A 161 -2.35 -6.75 9.08
CA GLN A 161 -2.38 -7.58 7.87
C GLN A 161 -0.97 -7.95 7.42
N LEU A 162 -0.01 -7.03 7.57
CA LEU A 162 1.35 -7.35 7.18
C LEU A 162 1.90 -8.50 8.03
N CYS A 163 1.67 -8.44 9.34
CA CYS A 163 2.18 -9.49 10.21
C CYS A 163 1.53 -10.84 9.88
N LEU A 164 0.24 -10.83 9.53
CA LEU A 164 -0.44 -12.08 9.21
C LEU A 164 0.00 -12.68 7.88
N LEU A 165 0.72 -11.93 7.05
CA LEU A 165 1.23 -12.48 5.80
C LEU A 165 2.46 -13.34 5.99
N PHE A 166 3.20 -13.15 7.09
CA PHE A 166 4.44 -13.89 7.26
C PHE A 166 4.13 -15.39 7.38
N PRO A 167 5.04 -16.24 6.93
CA PRO A 167 4.89 -17.67 7.20
C PRO A 167 4.81 -17.91 8.70
N PRO A 168 4.02 -18.88 9.15
CA PRO A 168 4.00 -19.18 10.59
C PRO A 168 5.37 -19.65 11.05
N ASP A 169 5.76 -19.21 12.25
CA ASP A 169 7.04 -19.62 12.85
C ASP A 169 6.73 -20.61 13.97
N GLU A 170 6.79 -21.89 13.62
CA GLU A 170 6.40 -22.96 14.54
C GLU A 170 7.40 -23.16 15.67
N SER A 171 8.55 -22.49 15.62
CA SER A 171 9.49 -22.60 16.72
C SER A 171 9.10 -21.73 17.91
N ILE A 172 8.14 -20.83 17.74
CA ILE A 172 7.82 -19.82 18.74
C ILE A 172 6.52 -20.20 19.43
N ASP A 173 6.48 -20.03 20.76
CA ASP A 173 5.30 -20.26 21.57
C ASP A 173 4.86 -18.93 22.16
N LEU A 174 3.71 -18.41 21.71
CA LEU A 174 3.27 -17.09 22.17
C LEU A 174 2.67 -17.09 23.57
N TYR A 175 2.58 -18.25 24.21
CA TYR A 175 2.08 -18.34 25.58
C TYR A 175 2.82 -17.38 26.53
N GLN A 176 4.16 -17.40 26.51
CA GLN A 176 4.91 -16.57 27.45
C GLN A 176 4.83 -15.09 27.06
N VAL A 177 4.68 -14.80 25.77
CA VAL A 177 4.50 -13.43 25.31
C VAL A 177 3.18 -12.86 25.85
N ILE A 178 2.11 -13.65 25.75
CA ILE A 178 0.80 -13.23 26.22
C ILE A 178 0.84 -12.86 27.71
N HIS A 179 1.62 -13.61 28.50
CA HIS A 179 1.69 -13.36 29.93
C HIS A 179 2.41 -12.07 30.29
N LYS A 180 3.20 -11.51 29.37
CA LYS A 180 3.87 -10.24 29.64
C LYS A 180 2.99 -9.04 29.35
N MET A 181 1.82 -9.22 28.77
CA MET A 181 0.94 -8.11 28.44
C MET A 181 0.06 -7.72 29.62
N GLY B 18 0.83 -9.28 -29.34
CA GLY B 18 0.72 -9.59 -27.93
C GLY B 18 -0.47 -8.93 -27.26
N THR B 19 -1.33 -8.30 -28.06
CA THR B 19 -2.42 -7.49 -27.54
C THR B 19 -3.80 -8.13 -27.72
N SER B 20 -3.86 -9.42 -28.08
CA SER B 20 -5.16 -10.07 -28.31
C SER B 20 -6.05 -10.01 -27.08
N LYS B 21 -5.48 -10.29 -25.90
CA LYS B 21 -6.28 -10.28 -24.67
C LYS B 21 -6.85 -8.89 -24.39
N LEU B 22 -5.98 -7.87 -24.39
CA LEU B 22 -6.47 -6.53 -24.08
C LEU B 22 -7.46 -6.04 -25.12
N LYS B 23 -7.26 -6.35 -26.39
CA LYS B 23 -8.21 -5.92 -27.41
C LYS B 23 -9.58 -6.55 -27.18
N TYR B 24 -9.61 -7.80 -26.72
CA TYR B 24 -10.88 -8.43 -26.39
C TYR B 24 -11.54 -7.73 -25.20
N VAL B 25 -10.77 -7.42 -24.17
CA VAL B 25 -11.32 -6.73 -23.01
C VAL B 25 -11.97 -5.41 -23.43
N LEU B 26 -11.37 -4.73 -24.40
CA LEU B 26 -11.81 -3.40 -24.80
C LEU B 26 -12.78 -3.40 -25.98
N GLN B 27 -13.14 -4.57 -26.54
CA GLN B 27 -13.88 -4.60 -27.79
C GLN B 27 -15.22 -3.88 -27.67
N ASP B 28 -15.91 -4.06 -26.55
CA ASP B 28 -17.14 -3.32 -26.25
C ASP B 28 -16.88 -2.66 -24.91
N ALA B 29 -16.39 -1.43 -24.96
CA ALA B 29 -16.00 -0.75 -23.73
C ALA B 29 -16.44 0.69 -23.77
N ARG B 30 -16.69 1.24 -22.57
CA ARG B 30 -16.79 2.67 -22.35
C ARG B 30 -15.60 3.11 -21.50
N PHE B 31 -15.18 4.36 -21.71
CA PHE B 31 -13.95 4.88 -21.13
C PHE B 31 -14.21 6.21 -20.46
N PHE B 32 -13.66 6.39 -19.26
CA PHE B 32 -13.83 7.63 -18.52
C PHE B 32 -12.49 8.12 -17.98
N LEU B 33 -12.23 9.40 -18.15
CA LEU B 33 -11.07 10.03 -17.53
C LEU B 33 -11.37 10.28 -16.06
N ILE B 34 -10.46 9.86 -15.19
CA ILE B 34 -10.58 10.07 -13.75
C ILE B 34 -9.43 10.99 -13.31
N LYS B 35 -9.78 12.14 -12.75
CA LYS B 35 -8.79 13.15 -12.35
C LYS B 35 -8.76 13.24 -10.84
N SER B 36 -7.61 12.95 -10.24
CA SER B 36 -7.41 12.95 -8.80
C SER B 36 -6.47 14.10 -8.43
N ASN B 37 -6.65 14.65 -7.23
CA ASN B 37 -5.80 15.76 -6.84
C ASN B 37 -4.48 15.34 -6.20
N ASN B 38 -4.36 14.13 -5.67
CA ASN B 38 -3.11 13.73 -5.04
CA ASN B 38 -3.07 13.74 -5.12
C ASN B 38 -2.78 12.27 -5.37
N HIS B 39 -1.49 11.97 -5.30
CA HIS B 39 -1.02 10.62 -5.57
C HIS B 39 -1.46 9.65 -4.48
N GLU B 40 -1.72 10.12 -3.25
CA GLU B 40 -2.01 9.20 -2.16
C GLU B 40 -3.25 8.37 -2.44
N ASN B 41 -4.31 9.00 -2.93
CA ASN B 41 -5.54 8.25 -3.17
C ASN B 41 -5.39 7.30 -4.36
N VAL B 42 -4.59 7.67 -5.35
CA VAL B 42 -4.32 6.74 -6.44
C VAL B 42 -3.51 5.55 -5.94
N SER B 43 -2.51 5.79 -5.08
CA SER B 43 -1.74 4.69 -4.52
CA SER B 43 -1.74 4.69 -4.52
C SER B 43 -2.62 3.74 -3.73
N LEU B 44 -3.52 4.29 -2.92
CA LEU B 44 -4.48 3.48 -2.18
CA LEU B 44 -4.48 3.47 -2.18
C LEU B 44 -5.32 2.63 -3.13
N ALA B 45 -5.86 3.27 -4.18
CA ALA B 45 -6.75 2.59 -5.13
C ALA B 45 -6.01 1.50 -5.90
N LYS B 46 -4.74 1.74 -6.25
CA LYS B 46 -3.96 0.75 -6.97
C LYS B 46 -3.75 -0.51 -6.14
N ALA B 47 -3.52 -0.34 -4.83
CA ALA B 47 -3.21 -1.51 -4.00
C ALA B 47 -4.48 -2.28 -3.62
N LYS B 48 -5.56 -1.57 -3.36
CA LYS B 48 -6.78 -2.16 -2.82
C LYS B 48 -7.84 -2.49 -3.88
N GLY B 49 -7.75 -1.92 -5.08
CA GLY B 49 -8.75 -2.19 -6.09
C GLY B 49 -10.10 -1.55 -5.87
N VAL B 50 -10.13 -0.28 -5.46
CA VAL B 50 -11.36 0.43 -5.16
C VAL B 50 -11.27 1.86 -5.69
N TRP B 51 -12.43 2.44 -6.01
CA TRP B 51 -12.52 3.85 -6.30
C TRP B 51 -13.89 4.37 -5.84
N SER B 52 -13.93 5.66 -5.54
CA SER B 52 -15.17 6.33 -5.17
CA SER B 52 -15.17 6.32 -5.18
C SER B 52 -15.16 7.70 -5.80
N THR B 53 -16.33 8.19 -6.16
CA THR B 53 -16.43 9.48 -6.85
C THR B 53 -17.64 10.25 -6.32
N LEU B 54 -17.77 11.48 -6.80
CA LEU B 54 -18.90 12.31 -6.41
C LEU B 54 -20.17 11.85 -7.14
N PRO B 55 -21.36 12.27 -6.66
CA PRO B 55 -22.59 11.60 -7.09
C PRO B 55 -22.88 11.67 -8.58
N VAL B 56 -22.57 12.78 -9.25
CA VAL B 56 -22.88 12.89 -10.68
C VAL B 56 -22.10 11.84 -11.47
N ASN B 57 -20.81 11.70 -11.18
CA ASN B 57 -20.03 10.70 -11.87
C ASN B 57 -20.38 9.29 -11.42
N GLU B 58 -20.81 9.11 -10.17
CA GLU B 58 -21.21 7.78 -9.71
C GLU B 58 -22.36 7.25 -10.53
N LYS B 59 -23.36 8.09 -10.79
CA LYS B 59 -24.51 7.70 -11.58
C LYS B 59 -24.09 7.37 -13.00
N LYS B 60 -23.22 8.19 -13.60
CA LYS B 60 -22.74 7.92 -14.95
C LYS B 60 -22.04 6.57 -15.03
N LEU B 61 -21.21 6.26 -14.05
CA LEU B 61 -20.46 5.01 -14.10
C LEU B 61 -21.34 3.79 -13.85
N ASN B 62 -22.35 3.93 -12.99
CA ASN B 62 -23.28 2.81 -12.79
C ASN B 62 -24.08 2.55 -14.06
N LEU B 63 -24.56 3.60 -14.72
CA LEU B 63 -25.23 3.42 -16.01
C LEU B 63 -24.30 2.76 -17.02
N ALA B 64 -23.05 3.19 -17.07
CA ALA B 64 -22.11 2.62 -18.02
C ALA B 64 -21.86 1.15 -17.74
N PHE B 65 -21.78 0.77 -16.46
CA PHE B 65 -21.53 -0.61 -16.08
C PHE B 65 -22.58 -1.56 -16.65
N ARG B 66 -23.83 -1.12 -16.75
CA ARG B 66 -24.91 -1.93 -17.28
C ARG B 66 -25.06 -1.84 -18.80
N SER B 67 -24.30 -0.97 -19.47
CA SER B 67 -24.51 -0.74 -20.89
C SER B 67 -23.33 -1.14 -21.75
N ALA B 68 -22.24 -1.62 -21.16
CA ALA B 68 -21.05 -1.98 -21.91
C ALA B 68 -20.39 -3.18 -21.23
N ARG B 69 -19.76 -4.03 -22.05
CA ARG B 69 -19.13 -5.23 -21.49
C ARG B 69 -17.97 -4.89 -20.55
N SER B 70 -17.28 -3.77 -20.79
CA SER B 70 -16.22 -3.31 -19.90
C SER B 70 -16.32 -1.81 -19.76
N VAL B 71 -16.13 -1.32 -18.53
CA VAL B 71 -16.05 0.12 -18.26
C VAL B 71 -14.65 0.41 -17.72
N ILE B 72 -13.94 1.29 -18.41
CA ILE B 72 -12.53 1.56 -18.14
C ILE B 72 -12.39 2.95 -17.53
N LEU B 73 -11.65 3.03 -16.43
CA LEU B 73 -11.27 4.29 -15.79
C LEU B 73 -9.80 4.52 -16.09
N ILE B 74 -9.46 5.66 -16.68
CA ILE B 74 -8.09 6.02 -17.01
C ILE B 74 -7.71 7.18 -16.10
N PHE B 75 -6.70 6.95 -15.24
CA PHE B 75 -6.41 7.85 -14.13
C PHE B 75 -5.31 8.86 -14.46
N SER B 76 -5.52 10.11 -14.04
CA SER B 76 -4.50 11.14 -14.14
C SER B 76 -4.55 12.05 -12.91
N VAL B 77 -3.42 12.19 -12.23
CA VAL B 77 -3.28 13.09 -11.10
C VAL B 77 -3.07 14.50 -11.64
N ARG B 78 -3.88 15.44 -11.16
CA ARG B 78 -3.82 16.80 -11.66
C ARG B 78 -2.42 17.36 -11.49
N GLU B 79 -1.95 18.06 -12.52
CA GLU B 79 -0.63 18.70 -12.61
C GLU B 79 0.52 17.73 -12.75
N SER B 80 0.26 16.42 -12.92
CA SER B 80 1.38 15.48 -13.01
C SER B 80 1.95 15.35 -14.42
N GLY B 81 1.21 15.79 -15.44
CA GLY B 81 1.62 15.60 -16.82
C GLY B 81 1.57 14.17 -17.32
N LYS B 82 0.90 13.27 -16.60
CA LYS B 82 0.90 11.86 -16.96
CA LYS B 82 0.91 11.86 -16.94
C LYS B 82 -0.43 11.24 -16.58
N PHE B 83 -0.72 10.10 -17.21
CA PHE B 83 -1.71 9.17 -16.70
C PHE B 83 -0.97 8.17 -15.82
N GLN B 84 -1.62 7.70 -14.77
CA GLN B 84 -0.98 6.77 -13.82
C GLN B 84 -1.41 5.32 -14.00
N GLY B 85 -2.34 5.04 -14.90
CA GLY B 85 -2.75 3.68 -15.18
C GLY B 85 -4.21 3.65 -15.57
N PHE B 86 -4.74 2.43 -15.73
CA PHE B 86 -6.13 2.27 -16.06
C PHE B 86 -6.67 0.96 -15.50
N ALA B 87 -7.98 0.93 -15.25
CA ALA B 87 -8.62 -0.15 -14.52
C ALA B 87 -10.01 -0.37 -15.09
N ARG B 88 -10.57 -1.54 -14.81
CA ARG B 88 -11.91 -1.91 -15.27
C ARG B 88 -12.84 -2.10 -14.07
N LEU B 89 -14.03 -1.51 -14.13
CA LEU B 89 -15.01 -1.74 -13.08
C LEU B 89 -15.38 -3.20 -13.01
N SER B 90 -15.37 -3.77 -11.80
CA SER B 90 -15.92 -5.10 -11.62
C SER B 90 -17.27 -5.10 -10.91
N SER B 91 -17.74 -3.95 -10.47
CA SER B 91 -19.04 -3.84 -9.80
C SER B 91 -19.60 -2.45 -10.05
N GLU B 92 -20.91 -2.32 -9.90
CA GLU B 92 -21.50 -1.02 -9.61
C GLU B 92 -21.06 -0.55 -8.23
N SER B 93 -21.33 0.72 -7.93
CA SER B 93 -20.98 1.25 -6.62
C SER B 93 -21.85 0.60 -5.55
N HIS B 94 -21.26 0.41 -4.37
CA HIS B 94 -22.00 -0.17 -3.26
C HIS B 94 -21.66 0.56 -1.98
N HIS B 95 -22.66 0.65 -1.09
CA HIS B 95 -22.50 1.30 0.19
C HIS B 95 -22.42 0.26 1.29
N GLY B 96 -21.92 0.68 2.44
CA GLY B 96 -21.97 -0.13 3.64
C GLY B 96 -20.72 -0.93 3.95
N GLY B 97 -19.75 -0.97 3.05
CA GLY B 97 -18.52 -1.69 3.29
C GLY B 97 -17.65 -1.00 4.33
N SER B 98 -16.53 -1.63 4.63
CA SER B 98 -15.57 -1.05 5.56
C SER B 98 -15.07 0.28 4.99
N PRO B 99 -14.98 1.33 5.81
CA PRO B 99 -14.65 2.66 5.28
C PRO B 99 -13.23 2.70 4.72
N ILE B 100 -13.11 3.25 3.52
CA ILE B 100 -11.81 3.39 2.86
CA ILE B 100 -11.81 3.38 2.88
C ILE B 100 -11.11 4.63 3.40
N HIS B 101 -9.82 4.52 3.70
CA HIS B 101 -9.09 5.61 4.34
C HIS B 101 -8.61 6.66 3.34
N TRP B 102 -9.56 7.21 2.57
CA TRP B 102 -9.21 8.24 1.59
C TRP B 102 -8.63 9.46 2.29
N VAL B 103 -7.69 10.12 1.62
CA VAL B 103 -7.30 11.47 1.98
C VAL B 103 -8.37 12.40 1.42
N LEU B 104 -9.16 13.02 2.30
CA LEU B 104 -10.26 13.86 1.85
C LEU B 104 -9.78 15.32 1.71
N PRO B 105 -10.24 16.03 0.69
CA PRO B 105 -9.70 17.36 0.40
C PRO B 105 -10.36 18.45 1.26
N ALA B 106 -9.86 19.67 1.06
CA ALA B 106 -10.41 20.94 1.54
C ALA B 106 -11.38 20.83 2.71
N GLY B 107 -12.62 21.24 2.49
CA GLY B 107 -13.66 21.10 3.49
C GLY B 107 -14.61 19.99 3.13
N MET B 108 -14.09 18.76 3.05
CA MET B 108 -14.84 17.63 2.54
C MET B 108 -15.05 16.58 3.62
N SER B 109 -16.17 15.89 3.53
CA SER B 109 -16.54 14.83 4.44
C SER B 109 -16.77 13.56 3.62
N ALA B 110 -16.61 12.42 4.29
CA ALA B 110 -16.87 11.14 3.63
C ALA B 110 -18.33 11.00 3.23
N LYS B 111 -19.24 11.70 3.91
CA LYS B 111 -20.66 11.63 3.57
C LYS B 111 -20.97 12.23 2.21
N MET B 112 -20.14 13.16 1.72
CA MET B 112 -20.33 13.73 0.40
C MET B 112 -20.10 12.73 -0.72
N LEU B 113 -19.50 11.58 -0.43
CA LEU B 113 -19.13 10.62 -1.44
C LEU B 113 -20.29 9.68 -1.72
N GLY B 114 -20.23 9.01 -2.86
CA GLY B 114 -21.11 7.91 -3.16
C GLY B 114 -20.53 6.60 -2.66
N GLY B 115 -20.99 5.52 -3.27
CA GLY B 115 -20.54 4.21 -2.89
C GLY B 115 -19.14 3.94 -3.42
N VAL B 116 -18.72 2.69 -3.21
CA VAL B 116 -17.40 2.22 -3.58
C VAL B 116 -17.53 1.31 -4.79
N PHE B 117 -16.76 1.60 -5.83
CA PHE B 117 -16.62 0.71 -6.98
C PHE B 117 -15.44 -0.22 -6.75
N LYS B 118 -15.65 -1.51 -6.95
CA LYS B 118 -14.53 -2.43 -7.06
CA LYS B 118 -14.53 -2.43 -7.06
C LYS B 118 -13.97 -2.34 -8.48
N ILE B 119 -12.63 -2.29 -8.57
CA ILE B 119 -11.96 -2.18 -9.86
C ILE B 119 -10.82 -3.17 -9.94
N ASP B 120 -10.56 -3.68 -11.14
CA ASP B 120 -9.39 -4.50 -11.44
C ASP B 120 -8.44 -3.67 -12.30
N TRP B 121 -7.23 -3.44 -11.81
CA TRP B 121 -6.27 -2.70 -12.60
C TRP B 121 -5.79 -3.52 -13.79
N ILE B 122 -5.65 -2.85 -14.93
CA ILE B 122 -5.11 -3.47 -16.14
C ILE B 122 -3.68 -2.98 -16.35
N CYS B 123 -3.39 -1.74 -15.97
CA CYS B 123 -2.01 -1.27 -16.02
C CYS B 123 -1.86 -0.26 -14.89
N ARG B 124 -0.80 -0.41 -14.09
CA ARG B 124 -0.50 0.53 -13.02
C ARG B 124 0.75 1.35 -13.33
N ARG B 125 1.25 1.28 -14.55
CA ARG B 125 2.41 2.04 -14.97
C ARG B 125 1.99 3.35 -15.63
N GLU B 126 2.88 4.33 -15.56
CA GLU B 126 2.58 5.66 -16.05
C GLU B 126 2.70 5.77 -17.57
N LEU B 127 1.93 6.68 -18.14
CA LEU B 127 2.02 7.06 -19.55
C LEU B 127 2.08 8.57 -19.58
N PRO B 128 3.21 9.17 -19.97
CA PRO B 128 3.28 10.63 -20.03
C PRO B 128 2.39 11.18 -21.16
N PHE B 129 1.85 12.37 -20.92
CA PHE B 129 1.04 13.03 -21.95
C PHE B 129 1.80 13.19 -23.27
N THR B 130 3.13 13.24 -23.22
CA THR B 130 3.92 13.35 -24.45
C THR B 130 3.77 12.15 -25.37
N LYS B 131 3.27 11.01 -24.86
CA LYS B 131 3.05 9.85 -25.70
C LYS B 131 1.62 9.75 -26.21
N SER B 132 0.71 10.61 -25.76
CA SER B 132 -0.68 10.60 -26.21
C SER B 132 -1.06 11.87 -26.95
N ALA B 133 -0.08 12.67 -27.36
CA ALA B 133 -0.32 13.97 -27.97
C ALA B 133 -1.02 13.88 -29.33
N HIS B 134 -0.95 12.74 -29.99
CA HIS B 134 -1.58 12.55 -31.29
C HIS B 134 -3.04 12.15 -31.18
N LEU B 135 -3.55 11.90 -29.97
CA LEU B 135 -4.91 11.40 -29.80
C LEU B 135 -5.84 12.50 -29.32
N THR B 136 -6.97 12.64 -30.02
CA THR B 136 -7.99 13.63 -29.70
C THR B 136 -9.32 12.92 -29.46
N ASN B 137 -10.12 13.45 -28.54
CA ASN B 137 -11.36 12.82 -28.12
C ASN B 137 -12.53 13.49 -28.84
N PRO B 138 -13.20 12.80 -29.77
CA PRO B 138 -14.33 13.44 -30.47
CA PRO B 138 -14.33 13.45 -30.47
C PRO B 138 -15.46 13.87 -29.56
N TRP B 139 -15.61 13.26 -28.38
CA TRP B 139 -16.68 13.61 -27.47
C TRP B 139 -16.28 14.74 -26.52
N ASN B 140 -15.12 15.36 -26.73
CA ASN B 140 -14.74 16.58 -26.02
C ASN B 140 -14.16 17.57 -27.02
N GLU B 141 -14.92 17.85 -28.08
CA GLU B 141 -14.58 18.87 -29.07
C GLU B 141 -13.27 18.57 -29.80
N HIS B 142 -12.90 17.29 -29.92
CA HIS B 142 -11.68 16.87 -30.62
C HIS B 142 -10.43 17.49 -30.02
N LYS B 143 -10.48 17.79 -28.71
CA LYS B 143 -9.32 18.23 -27.94
C LYS B 143 -8.44 17.02 -27.59
N PRO B 144 -7.14 17.25 -27.36
CA PRO B 144 -6.26 16.14 -26.96
C PRO B 144 -6.83 15.38 -25.77
N VAL B 145 -6.68 14.06 -25.79
CA VAL B 145 -7.37 13.20 -24.83
C VAL B 145 -6.98 13.47 -23.39
N LYS B 146 -5.80 14.04 -23.15
CA LYS B 146 -5.39 14.43 -21.79
C LYS B 146 -6.31 15.49 -21.19
N ILE B 147 -7.01 16.26 -22.02
CA ILE B 147 -7.82 17.38 -21.54
C ILE B 147 -9.20 16.86 -21.18
N GLY B 148 -9.67 17.20 -19.98
CA GLY B 148 -11.02 16.85 -19.61
C GLY B 148 -11.25 16.99 -18.12
N ARG B 149 -12.49 17.25 -17.73
CA ARG B 149 -12.88 17.24 -16.32
C ARG B 149 -12.93 15.81 -15.82
N ASP B 150 -12.89 15.66 -14.50
CA ASP B 150 -13.09 14.36 -13.89
C ASP B 150 -14.41 13.76 -14.38
N GLY B 151 -14.34 12.52 -14.87
CA GLY B 151 -15.51 11.85 -15.42
C GLY B 151 -15.76 12.05 -16.89
N GLN B 152 -14.93 12.84 -17.58
CA GLN B 152 -15.11 13.04 -19.02
C GLN B 152 -15.11 11.70 -19.75
N GLU B 153 -16.16 11.45 -20.53
CA GLU B 153 -16.21 10.22 -21.29
C GLU B 153 -15.36 10.32 -22.56
N ILE B 154 -14.65 9.24 -22.87
CA ILE B 154 -13.76 9.18 -24.01
C ILE B 154 -14.36 8.22 -25.03
N GLU B 155 -14.47 8.67 -26.28
CA GLU B 155 -15.05 7.86 -27.35
C GLU B 155 -14.24 6.57 -27.56
N LEU B 156 -14.94 5.52 -28.04
CA LEU B 156 -14.41 4.16 -28.08
C LEU B 156 -13.04 4.05 -28.74
N GLU B 157 -12.90 4.55 -29.97
CA GLU B 157 -11.63 4.34 -30.66
C GLU B 157 -10.50 5.11 -29.99
N CYS B 158 -10.75 6.36 -29.58
CA CYS B 158 -9.77 7.12 -28.82
C CYS B 158 -9.35 6.41 -27.54
N GLY B 159 -10.33 5.94 -26.77
CA GLY B 159 -10.01 5.30 -25.51
C GLY B 159 -9.23 4.02 -25.71
N THR B 160 -9.58 3.26 -26.76
CA THR B 160 -8.87 2.02 -27.07
C THR B 160 -7.41 2.31 -27.42
N GLN B 161 -7.19 3.27 -28.33
CA GLN B 161 -5.82 3.61 -28.70
C GLN B 161 -5.03 4.13 -27.50
N LEU B 162 -5.67 4.94 -26.64
CA LEU B 162 -4.99 5.42 -25.45
C LEU B 162 -4.55 4.25 -24.55
N CYS B 163 -5.45 3.31 -24.29
CA CYS B 163 -5.10 2.18 -23.43
C CYS B 163 -3.96 1.36 -24.04
N LEU B 164 -3.95 1.23 -25.39
CA LEU B 164 -2.91 0.43 -26.02
C LEU B 164 -1.53 1.09 -25.96
N LEU B 165 -1.47 2.39 -25.65
CA LEU B 165 -0.18 3.07 -25.52
C LEU B 165 0.55 2.73 -24.23
N PHE B 166 -0.16 2.28 -23.20
CA PHE B 166 0.49 2.00 -21.93
C PHE B 166 1.46 0.82 -22.09
N PRO B 167 2.56 0.81 -21.33
CA PRO B 167 3.52 -0.30 -21.39
C PRO B 167 2.99 -1.53 -20.67
N PRO B 168 3.54 -2.71 -20.94
CA PRO B 168 3.07 -3.92 -20.26
C PRO B 168 3.38 -3.87 -18.78
N ASP B 169 2.45 -4.39 -17.98
CA ASP B 169 2.59 -4.39 -16.53
C ASP B 169 2.72 -5.84 -16.06
N GLU B 170 3.93 -6.20 -15.64
CA GLU B 170 4.21 -7.58 -15.24
C GLU B 170 3.58 -7.94 -13.91
N SER B 171 3.03 -6.98 -13.18
CA SER B 171 2.31 -7.28 -11.95
C SER B 171 0.85 -7.68 -12.20
N ILE B 172 0.37 -7.55 -13.44
CA ILE B 172 -1.05 -7.76 -13.77
C ILE B 172 -1.20 -9.04 -14.58
N ASP B 173 -2.23 -9.80 -14.26
CA ASP B 173 -2.65 -10.98 -15.02
C ASP B 173 -4.09 -10.74 -15.43
N LEU B 174 -4.36 -10.66 -16.74
CA LEU B 174 -5.72 -10.37 -17.20
C LEU B 174 -6.70 -11.54 -17.03
N TYR B 175 -6.24 -12.69 -16.52
CA TYR B 175 -7.09 -13.89 -16.50
C TYR B 175 -8.39 -13.64 -15.75
N GLN B 176 -8.34 -13.01 -14.58
CA GLN B 176 -9.55 -12.78 -13.79
C GLN B 176 -10.50 -11.83 -14.48
N VAL B 177 -9.99 -10.75 -15.07
CA VAL B 177 -10.84 -9.83 -15.81
C VAL B 177 -11.56 -10.55 -16.94
N ILE B 178 -10.82 -11.29 -17.74
CA ILE B 178 -11.42 -11.97 -18.88
C ILE B 178 -12.53 -12.91 -18.43
N HIS B 179 -12.30 -13.60 -17.32
CA HIS B 179 -13.26 -14.60 -16.86
C HIS B 179 -14.51 -14.01 -16.22
N LYS B 180 -14.46 -12.75 -15.77
CA LYS B 180 -15.66 -12.13 -15.21
C LYS B 180 -16.43 -11.31 -16.23
N MET B 181 -15.92 -11.16 -17.44
CA MET B 181 -16.68 -10.49 -18.48
C MET B 181 -17.86 -11.35 -18.89
N ARG B 182 -18.96 -10.70 -19.23
CA ARG B 182 -20.17 -11.39 -19.67
C ARG B 182 -19.92 -12.14 -20.98
C10 P0N C . 25.52 5.66 14.93
C15 P0N C . 23.81 -0.43 14.97
C01 P0N C . 22.15 -0.20 16.80
C02 P0N C . 22.32 -0.46 15.28
C03 P0N C . 21.73 -1.84 14.96
C05 P0N C . 22.18 1.83 14.47
C06 P0N C . 23.68 1.81 14.18
C07 P0N C . 24.34 3.17 14.44
C08 P0N C . 25.16 3.35 15.54
C09 P0N C . 25.76 4.59 15.79
C11 P0N C . 24.70 5.48 13.82
C12 P0N C . 24.11 4.26 13.57
N04 P0N C . 21.57 0.54 14.56
O14 P0N C . 24.37 0.89 15.03
CL1 P0N C . 23.05 4.06 12.14
C10 P0N D . -5.65 9.10 6.11
C15 P0N D . -7.73 7.21 11.69
C01 P0N D . -8.46 5.24 13.01
C02 P0N D . -7.51 5.71 11.89
C03 P0N D . -6.05 5.49 12.36
C05 P0N D . -7.20 5.50 9.51
C06 P0N D . -7.58 6.97 9.36
C07 P0N D . -6.91 7.72 8.19
C08 P0N D . -5.54 7.96 8.23
C09 P0N D . -4.92 8.65 7.19
C11 P0N D . -7.03 8.85 6.07
C12 P0N D . -7.66 8.17 7.10
N04 P0N D . -7.75 4.94 10.70
O14 P0N D . -7.13 7.70 10.50
CL1 P0N D . -9.41 7.88 7.01
S SO4 E . 5.29 8.80 11.82
O1 SO4 E . 5.95 7.55 12.20
O2 SO4 E . 4.03 8.51 11.16
O3 SO4 E . 6.15 9.57 10.93
O4 SO4 E . 5.00 9.57 13.02
S SO4 F . 18.58 3.36 32.34
O1 SO4 F . 18.64 3.94 31.00
O2 SO4 F . 19.25 2.07 32.36
O3 SO4 F . 17.18 3.18 32.72
O4 SO4 F . 19.22 4.27 33.28
S SO4 G . 21.86 -0.92 11.10
O1 SO4 G . 22.63 -2.04 10.53
O2 SO4 G . 21.36 -0.07 10.01
O3 SO4 G . 22.76 -0.14 11.94
O4 SO4 G . 20.75 -1.42 11.89
C10 P0N H . -15.93 15.75 -1.32
C15 P0N H . -11.31 11.47 -2.22
C01 P0N H . -10.50 9.82 -3.93
C02 P0N H . -11.74 10.61 -3.41
C03 P0N H . -12.77 9.59 -2.91
C05 P0N H . -13.19 12.42 -4.11
C06 P0N H . -12.74 13.23 -2.87
C07 P0N H . -13.88 14.11 -2.31
C08 P0N H . -14.59 13.73 -1.18
C09 P0N H . -15.62 14.55 -0.68
C11 P0N H . -15.21 16.13 -2.45
C12 P0N H . -14.19 15.33 -2.94
N04 P0N H . -12.29 11.37 -4.49
O14 P0N H . -12.36 12.35 -1.82
CL1 P0N H . -13.28 15.84 -4.39
S SO4 I . 6.19 2.94 -13.82
O1 SO4 I . 6.33 2.39 -15.16
O2 SO4 I . 5.86 1.90 -12.86
O3 SO4 I . 5.14 3.96 -13.81
O4 SO4 I . 7.45 3.59 -13.43
S SO4 J . -8.97 13.23 -4.91
O1 SO4 J . -7.84 12.32 -4.79
O2 SO4 J . -10.07 12.54 -5.58
O3 SO4 J . -9.39 13.68 -3.59
O4 SO4 J . -8.59 14.39 -5.71
S SO4 K . -19.79 13.85 -20.20
O1 SO4 K . -18.75 12.82 -20.29
O2 SO4 K . -20.70 13.74 -21.33
O3 SO4 K . -20.59 13.73 -18.97
O4 SO4 K . -19.18 15.17 -20.16
S SO4 L . 9.83 -1.98 -19.95
O1 SO4 L . 10.39 -1.99 -21.29
O2 SO4 L . 8.38 -2.20 -20.02
O3 SO4 L . 10.44 -3.04 -19.15
O4 SO4 L . 10.09 -0.68 -19.32
S SO4 M . -12.06 18.77 -12.34
O1 SO4 M . -13.29 19.45 -12.75
O2 SO4 M . -12.07 17.39 -12.82
O3 SO4 M . -10.89 19.42 -12.90
O4 SO4 M . -12.00 18.78 -10.88
#